data_3HNZ
#
_entry.id   3HNZ
#
_cell.length_a   74.665
_cell.length_b   74.665
_cell.length_c   146.274
_cell.angle_alpha   90.000
_cell.angle_beta   90.000
_cell.angle_gamma   120.000
#
_symmetry.space_group_name_H-M   'P 31 2 1'
#
loop_
_entity.id
_entity.type
_entity.pdbx_description
1 polymer '3-oxoacyl-[acyl-carrier-protein] synthase 2'
2 non-polymer PLATENSIMYCIN
3 water water
#
_entity_poly.entity_id   1
_entity_poly.type   'polypeptide(L)'
_entity_poly.pdbx_seq_one_letter_code
;MRGSHHHHHHGSACVSKRRVVVTGLGMLSPVGNTVESTWKALLAGQSGISLIDHFDTSAYATKFAGLVKDFNCEDIISRK
EQRKMDAFIQYGIVAGVQAMQDSGLEITEENATRIGAAIGSGIGGLGLIEENHTSLMNGGPRKISPFFVPSTIVNMVAGH
LTIMYGLRGPSISIATAATSGVHNIGHAARIIAYGDADVMVAGGAEKASTPLGVGGFGAARALSTRNDNPQAASRPWDKE
RDGFVLGDGAGMLVLEEYEHAKKRGAKIYAELVGFGMSSDAYHMTSPPENGAGAALAMANALRDAGIEASQIGYVNAHGT
STPAGDKAEAQAVKTIFGEAASRVLVSSTKSMTGHLLGAAGAVESIYSILALRDQAVPPTINLDNPDEGCDLDFVPHEAR
QVSGMEYTLCNSFGFGGTNGSLIFKKI
;
_entity_poly.pdbx_strand_id   A
#
loop_
_chem_comp.id
_chem_comp.type
_chem_comp.name
_chem_comp.formula
PMN non-polymer PLATENSIMYCIN 'C24 H27 N O7'
#
# COMPACT_ATOMS: atom_id res chain seq x y z
N LYS A 17 24.72 3.29 -14.50
CA LYS A 17 23.39 2.81 -14.91
C LYS A 17 22.88 1.66 -14.00
N ARG A 18 22.43 2.00 -12.78
CA ARG A 18 21.97 1.03 -11.81
C ARG A 18 20.51 0.58 -11.82
N ARG A 19 20.34 -0.74 -11.79
CA ARG A 19 19.02 -1.37 -11.75
C ARG A 19 18.67 -1.71 -10.31
N VAL A 20 17.38 -1.58 -9.99
CA VAL A 20 16.83 -1.85 -8.65
C VAL A 20 15.97 -3.11 -8.77
N VAL A 21 16.21 -4.07 -7.85
CA VAL A 21 15.48 -5.35 -7.83
C VAL A 21 14.86 -5.53 -6.45
N VAL A 22 13.88 -6.42 -6.32
CA VAL A 22 13.24 -6.65 -4.99
C VAL A 22 13.80 -7.93 -4.41
N THR A 23 14.38 -7.87 -3.21
CA THR A 23 14.95 -9.06 -2.62
C THR A 23 14.38 -9.41 -1.25
N GLY A 24 13.20 -8.89 -0.94
CA GLY A 24 12.58 -9.14 0.34
C GLY A 24 11.16 -8.59 0.42
N LEU A 25 10.29 -9.34 1.05
CA LEU A 25 8.93 -8.88 1.23
C LEU A 25 8.54 -9.15 2.68
N GLY A 26 7.46 -8.51 3.08
CA GLY A 26 6.91 -8.64 4.40
C GLY A 26 5.62 -7.84 4.43
N MET A 27 4.62 -8.32 5.16
CA MET A 27 3.39 -7.59 5.21
C MET A 27 2.46 -8.13 6.23
N LEU A 28 1.51 -7.30 6.62
CA LEU A 28 0.47 -7.62 7.60
C LEU A 28 -0.77 -7.05 6.94
N SER A 29 -1.80 -7.87 6.76
CA SER A 29 -2.99 -7.39 6.07
C SER A 29 -4.27 -7.93 6.69
N PRO A 30 -5.40 -7.31 6.31
CA PRO A 30 -6.64 -7.79 6.87
C PRO A 30 -6.91 -9.26 6.47
N VAL A 31 -6.16 -9.79 5.49
CA VAL A 31 -6.37 -11.18 5.07
C VAL A 31 -5.18 -12.10 5.35
N GLY A 32 -4.21 -11.64 6.12
CA GLY A 32 -3.04 -12.44 6.42
C GLY A 32 -1.89 -11.71 7.15
N ASN A 33 -1.14 -12.46 7.96
CA ASN A 33 -0.01 -11.87 8.69
C ASN A 33 1.38 -12.23 8.16
N THR A 34 1.39 -12.72 6.92
CA THR A 34 2.64 -12.99 6.18
C THR A 34 2.36 -12.63 4.73
N VAL A 35 3.42 -12.58 3.95
CA VAL A 35 3.32 -12.29 2.53
C VAL A 35 2.55 -13.44 1.89
N GLU A 36 3.02 -14.66 2.11
CA GLU A 36 2.38 -15.84 1.53
C GLU A 36 0.89 -16.10 1.90
N SER A 37 0.55 -15.93 3.18
CA SER A 37 -0.81 -16.13 3.64
C SER A 37 -1.72 -15.09 3.03
N THR A 38 -1.18 -13.85 2.92
CA THR A 38 -1.94 -12.74 2.33
C THR A 38 -2.23 -12.95 0.85
N TRP A 39 -1.22 -13.45 0.12
CA TRP A 39 -1.32 -13.74 -1.31
C TRP A 39 -2.32 -14.87 -1.55
N LYS A 40 -2.19 -15.94 -0.75
CA LYS A 40 -3.08 -17.09 -0.84
C LYS A 40 -4.56 -16.67 -0.69
N ALA A 41 -4.84 -15.89 0.33
CA ALA A 41 -6.19 -15.39 0.57
C ALA A 41 -6.76 -14.50 -0.54
N LEU A 42 -5.88 -13.71 -1.16
CA LEU A 42 -6.28 -12.76 -2.20
C LEU A 42 -6.61 -13.51 -3.47
N LEU A 43 -5.74 -14.48 -3.81
CA LEU A 43 -5.98 -15.30 -4.98
C LEU A 43 -7.28 -16.11 -4.73
N ALA A 44 -7.52 -16.47 -3.46
CA ALA A 44 -8.71 -17.24 -3.10
C ALA A 44 -9.95 -16.42 -2.87
N GLY A 45 -9.96 -15.18 -3.40
CA GLY A 45 -11.06 -14.24 -3.31
C GLY A 45 -11.63 -13.98 -1.92
N GLN A 46 -10.78 -14.20 -0.92
CA GLN A 46 -11.12 -14.01 0.49
C GLN A 46 -11.29 -12.51 0.86
N SER A 47 -12.29 -12.19 1.69
CA SER A 47 -12.45 -10.81 2.15
C SER A 47 -11.75 -10.74 3.53
N GLY A 48 -11.42 -9.53 3.99
CA GLY A 48 -10.76 -9.40 5.29
C GLY A 48 -11.58 -8.45 6.11
N ILE A 49 -12.54 -7.84 5.41
CA ILE A 49 -13.42 -6.87 5.99
C ILE A 49 -14.27 -7.50 7.07
N SER A 50 -14.34 -6.80 8.21
CA SER A 50 -15.08 -7.27 9.38
C SER A 50 -15.62 -6.12 10.21
N LEU A 51 -16.53 -6.50 11.08
CA LEU A 51 -17.15 -5.56 11.99
C LEU A 51 -16.09 -5.11 13.01
N ILE A 52 -16.14 -3.83 13.38
CA ILE A 52 -15.18 -3.26 14.31
C ILE A 52 -15.60 -3.54 15.74
N ASP A 53 -14.70 -4.08 16.55
CA ASP A 53 -15.02 -4.37 17.95
C ASP A 53 -14.33 -3.46 18.96
N HIS A 54 -13.13 -2.97 18.62
CA HIS A 54 -12.30 -2.12 19.52
C HIS A 54 -12.80 -0.76 19.99
N PHE A 55 -14.00 -0.37 19.56
CA PHE A 55 -14.63 0.89 19.95
C PHE A 55 -16.12 0.96 19.61
N ASP A 56 -16.88 1.71 20.40
CA ASP A 56 -18.30 1.82 20.15
C ASP A 56 -18.65 2.42 18.80
N THR A 57 -19.06 1.57 17.88
CA THR A 57 -19.40 2.02 16.54
C THR A 57 -20.89 2.26 16.44
N SER A 58 -21.57 2.39 17.59
CA SER A 58 -23.02 2.62 17.60
C SER A 58 -23.36 3.90 16.90
N ALA A 59 -22.68 4.99 17.31
CA ALA A 59 -22.87 6.34 16.74
C ALA A 59 -22.27 6.46 15.35
N TYR A 60 -21.42 5.51 14.99
CA TYR A 60 -20.76 5.52 13.70
C TYR A 60 -21.56 5.07 12.49
N ALA A 61 -21.50 5.83 11.41
CA ALA A 61 -22.19 5.48 10.16
C ALA A 61 -21.60 4.22 9.51
N THR A 62 -20.30 4.00 9.67
CA THR A 62 -19.62 2.83 9.12
C THR A 62 -19.14 2.10 10.36
N LYS A 63 -19.49 0.82 10.48
CA LYS A 63 -19.15 0.02 11.63
C LYS A 63 -18.25 -1.15 11.35
N PHE A 64 -17.57 -1.13 10.20
CA PHE A 64 -16.67 -2.23 9.85
C PHE A 64 -15.37 -1.69 9.21
N ALA A 65 -14.36 -2.56 9.06
CA ALA A 65 -13.09 -2.19 8.43
C ALA A 65 -12.25 -3.45 8.27
N GLY A 66 -11.22 -3.43 7.42
CA GLY A 66 -10.34 -4.56 7.23
C GLY A 66 -9.28 -4.45 8.31
N LEU A 67 -9.44 -5.24 9.38
CA LEU A 67 -8.53 -5.23 10.52
C LEU A 67 -7.44 -6.27 10.50
N VAL A 68 -6.35 -6.00 11.21
CA VAL A 68 -5.27 -6.99 11.30
C VAL A 68 -5.59 -7.98 12.43
N LYS A 69 -5.85 -9.24 12.06
CA LYS A 69 -6.25 -10.26 13.01
C LYS A 69 -5.17 -10.87 13.88
N ASP A 70 -5.44 -10.87 15.19
CA ASP A 70 -4.53 -11.38 16.20
C ASP A 70 -3.10 -10.97 15.88
N PHE A 71 -2.81 -9.69 16.03
CA PHE A 71 -1.47 -9.21 15.76
C PHE A 71 -0.63 -9.52 16.99
N ASN A 72 0.58 -10.03 16.81
CA ASN A 72 1.47 -10.31 17.95
C ASN A 72 2.92 -9.88 17.67
N CYS A 73 3.46 -8.97 18.48
CA CYS A 73 4.82 -8.52 18.23
C CYS A 73 5.79 -8.81 19.36
N GLU A 74 5.28 -9.47 20.40
CA GLU A 74 6.08 -9.85 21.58
C GLU A 74 7.48 -10.35 21.23
N ASP A 75 7.57 -11.18 20.20
CA ASP A 75 8.84 -11.71 19.78
C ASP A 75 9.77 -10.62 19.29
N ILE A 76 9.18 -9.64 18.58
CA ILE A 76 9.92 -8.52 17.97
C ILE A 76 10.01 -7.22 18.74
N ILE A 77 8.94 -6.86 19.43
CA ILE A 77 8.94 -5.64 20.23
C ILE A 77 8.68 -5.92 21.70
N SER A 78 9.60 -5.43 22.52
CA SER A 78 9.49 -5.52 23.96
C SER A 78 8.29 -4.66 24.36
N ARG A 79 7.21 -5.26 24.86
CA ARG A 79 6.02 -4.51 25.32
C ARG A 79 6.36 -3.24 26.15
N LYS A 80 7.61 -3.15 26.59
CA LYS A 80 8.13 -2.00 27.33
C LYS A 80 8.44 -0.94 26.28
N GLU A 81 8.79 -1.42 25.09
CA GLU A 81 9.12 -0.60 23.94
C GLU A 81 7.85 -0.29 23.13
N GLN A 82 6.84 -1.15 23.27
CA GLN A 82 5.58 -1.00 22.56
C GLN A 82 4.86 0.21 23.09
N ARG A 83 5.06 0.51 24.37
CA ARG A 83 4.42 1.66 25.00
C ARG A 83 4.80 2.93 24.24
N LYS A 84 5.90 2.87 23.49
CA LYS A 84 6.37 4.05 22.81
C LYS A 84 6.03 4.10 21.37
N MET A 85 4.95 3.44 20.98
CA MET A 85 4.67 3.44 19.57
C MET A 85 3.24 3.11 19.21
N ASP A 86 2.67 3.86 18.26
CA ASP A 86 1.31 3.60 17.82
C ASP A 86 1.28 2.27 17.09
N ALA A 87 0.11 1.67 16.98
CA ALA A 87 -0.03 0.41 16.27
C ALA A 87 0.57 0.51 14.88
N PHE A 88 0.39 1.66 14.20
CA PHE A 88 0.88 1.77 12.83
C PHE A 88 2.37 1.54 12.81
N ILE A 89 3.06 2.05 13.84
CA ILE A 89 4.50 1.88 13.95
C ILE A 89 4.77 0.41 14.23
N GLN A 90 4.02 -0.12 15.18
CA GLN A 90 4.16 -1.54 15.51
C GLN A 90 4.00 -2.41 14.24
N TYR A 91 2.88 -2.23 13.53
CA TYR A 91 2.59 -2.94 12.30
C TYR A 91 3.78 -2.87 11.37
N GLY A 92 4.22 -1.64 11.08
CA GLY A 92 5.34 -1.40 10.19
C GLY A 92 6.65 -2.08 10.57
N ILE A 93 7.03 -2.05 11.85
CA ILE A 93 8.28 -2.68 12.29
C ILE A 93 8.24 -4.21 12.09
N VAL A 94 7.09 -4.79 12.45
CA VAL A 94 6.86 -6.21 12.32
C VAL A 94 6.99 -6.67 10.87
N ALA A 95 6.43 -5.88 9.95
CA ALA A 95 6.49 -6.18 8.50
C ALA A 95 7.85 -5.87 7.96
N GLY A 96 8.57 -4.97 8.63
CA GLY A 96 9.90 -4.61 8.18
C GLY A 96 10.89 -5.73 8.50
N VAL A 97 10.77 -6.30 9.70
CA VAL A 97 11.65 -7.40 10.11
C VAL A 97 11.40 -8.50 9.09
N GLN A 98 10.12 -8.89 8.96
CA GLN A 98 9.74 -9.91 7.99
C GLN A 98 10.54 -9.80 6.72
N ALA A 99 10.56 -8.59 6.17
CA ALA A 99 11.27 -8.32 4.92
C ALA A 99 12.79 -8.36 5.09
N MET A 100 13.27 -7.87 6.24
CA MET A 100 14.72 -7.85 6.53
C MET A 100 15.20 -9.29 6.58
N GLN A 101 14.41 -10.14 7.24
CA GLN A 101 14.70 -11.56 7.36
C GLN A 101 14.66 -12.22 5.99
N ASP A 102 13.50 -12.14 5.33
CA ASP A 102 13.34 -12.68 3.97
C ASP A 102 14.39 -12.21 2.97
N SER A 103 15.11 -11.14 3.25
CA SER A 103 16.11 -10.66 2.30
C SER A 103 17.37 -11.52 2.46
N GLY A 104 17.65 -11.86 3.72
CA GLY A 104 18.81 -12.64 4.13
C GLY A 104 20.02 -11.74 4.32
N LEU A 105 19.80 -10.45 4.11
CA LEU A 105 20.82 -9.42 4.23
C LEU A 105 21.39 -9.40 5.64
N GLU A 106 22.70 -9.20 5.73
CA GLU A 106 23.38 -9.12 7.01
C GLU A 106 24.12 -7.80 7.01
N ILE A 107 23.61 -6.87 7.80
CA ILE A 107 24.16 -5.52 7.88
C ILE A 107 25.47 -5.59 8.61
N THR A 108 26.51 -5.05 7.99
CA THR A 108 27.85 -5.04 8.56
C THR A 108 28.40 -3.63 8.60
N GLU A 109 29.32 -3.36 9.53
CA GLU A 109 29.90 -2.03 9.66
C GLU A 109 30.34 -1.50 8.31
N GLU A 110 30.55 -2.41 7.37
CA GLU A 110 30.96 -2.06 6.03
C GLU A 110 29.76 -1.75 5.18
N ASN A 111 28.60 -2.24 5.64
CA ASN A 111 27.29 -2.15 4.97
C ASN A 111 26.42 -0.95 5.37
N ALA A 112 26.02 -0.95 6.63
CA ALA A 112 25.15 0.01 7.26
C ALA A 112 24.98 1.36 6.56
N THR A 113 26.09 1.95 6.19
CA THR A 113 26.14 3.24 5.52
C THR A 113 25.45 3.33 4.15
N ARG A 114 25.27 2.16 3.52
CA ARG A 114 24.69 2.03 2.17
C ARG A 114 23.30 1.32 2.13
N ILE A 115 22.71 1.12 3.32
CA ILE A 115 21.41 0.50 3.51
C ILE A 115 20.62 1.51 4.30
N GLY A 116 19.50 1.92 3.71
CA GLY A 116 18.62 2.92 4.29
C GLY A 116 17.18 2.46 4.27
N ALA A 117 16.26 3.42 4.40
CA ALA A 117 14.82 3.14 4.46
C ALA A 117 14.00 4.31 3.95
N ALA A 118 12.88 3.98 3.30
CA ALA A 118 11.93 4.98 2.79
C ALA A 118 10.56 4.40 3.14
N ILE A 119 10.02 4.77 4.30
CA ILE A 119 8.76 4.23 4.84
C ILE A 119 7.85 5.27 5.48
N GLY A 120 6.67 5.50 4.90
CA GLY A 120 5.75 6.45 5.46
C GLY A 120 4.42 5.85 5.83
N SER A 121 3.43 6.72 5.95
CA SER A 121 2.08 6.34 6.32
C SER A 121 1.23 7.55 6.01
N GLY A 122 -0.03 7.32 5.66
CA GLY A 122 -0.96 8.38 5.33
C GLY A 122 -1.32 9.26 6.50
N ILE A 123 -1.90 8.68 7.55
CA ILE A 123 -2.39 9.44 8.72
C ILE A 123 -1.62 9.33 10.02
N GLY A 124 -0.77 8.32 10.15
CA GLY A 124 0.05 8.12 11.34
C GLY A 124 -0.64 7.63 12.59
N GLY A 125 -0.02 7.88 13.73
CA GLY A 125 -0.56 7.43 14.99
C GLY A 125 -1.86 8.06 15.46
N LEU A 126 -2.97 7.88 14.73
CA LEU A 126 -4.29 8.41 15.16
C LEU A 126 -4.64 7.89 16.54
N GLY A 127 -4.47 6.59 16.71
CA GLY A 127 -4.76 5.89 17.95
C GLY A 127 -4.20 6.59 19.14
N LEU A 128 -2.88 6.69 19.17
CA LEU A 128 -2.16 7.35 20.26
C LEU A 128 -2.41 8.90 20.32
N ILE A 129 -2.77 9.50 19.19
CA ILE A 129 -3.07 10.94 19.13
C ILE A 129 -4.31 11.08 19.96
N GLU A 130 -5.30 10.26 19.60
CA GLU A 130 -6.57 10.18 20.33
C GLU A 130 -6.36 9.96 21.86
N GLU A 131 -5.56 8.96 22.24
CA GLU A 131 -5.29 8.67 23.65
C GLU A 131 -4.72 9.87 24.37
N ASN A 132 -3.67 10.46 23.81
CA ASN A 132 -3.03 11.67 24.38
C ASN A 132 -3.96 12.90 24.44
N HIS A 133 -4.82 13.09 23.43
CA HIS A 133 -5.72 14.23 23.49
C HIS A 133 -6.81 14.01 24.53
N THR A 134 -7.31 12.78 24.58
CA THR A 134 -8.33 12.43 25.54
C THR A 134 -7.70 12.73 26.89
N SER A 135 -6.50 12.18 27.07
CA SER A 135 -5.71 12.36 28.30
C SER A 135 -5.61 13.82 28.70
N LEU A 136 -5.22 14.69 27.78
CA LEU A 136 -5.07 16.12 28.01
C LEU A 136 -6.39 16.74 28.38
N MET A 137 -7.40 16.46 27.59
CA MET A 137 -8.71 17.00 27.89
C MET A 137 -9.22 16.62 29.30
N ASN A 138 -8.81 15.45 29.77
CA ASN A 138 -9.26 14.95 31.07
C ASN A 138 -8.43 15.36 32.27
N GLY A 139 -7.12 15.43 32.10
CA GLY A 139 -6.27 15.77 33.23
C GLY A 139 -5.12 16.71 32.98
N GLY A 140 -5.13 17.42 31.84
CA GLY A 140 -4.15 18.42 31.44
C GLY A 140 -2.85 17.94 30.83
N PRO A 141 -2.02 18.87 30.29
CA PRO A 141 -0.73 18.59 29.64
C PRO A 141 0.17 17.66 30.43
N ARG A 142 -0.18 17.48 31.71
CA ARG A 142 0.55 16.60 32.64
C ARG A 142 0.46 15.16 32.19
N LYS A 143 -0.74 14.78 31.71
CA LYS A 143 -1.09 13.42 31.23
C LYS A 143 -0.57 13.13 29.81
N ILE A 144 -0.19 14.18 29.06
CA ILE A 144 0.31 13.96 27.72
C ILE A 144 1.57 13.13 27.86
N SER A 145 1.57 11.93 27.28
CA SER A 145 2.72 11.04 27.38
C SER A 145 4.03 11.61 26.89
N PRO A 146 5.12 11.22 27.54
CA PRO A 146 6.36 11.78 26.99
C PRO A 146 6.61 11.21 25.60
N PHE A 147 5.83 10.23 25.20
CA PHE A 147 6.09 9.62 23.92
C PHE A 147 5.16 10.02 22.80
N PHE A 148 4.33 11.01 23.11
CA PHE A 148 3.38 11.51 22.16
C PHE A 148 3.96 11.67 20.75
N VAL A 149 4.91 12.57 20.62
CA VAL A 149 5.52 12.88 19.34
C VAL A 149 6.18 11.70 18.66
N PRO A 150 7.12 11.03 19.32
CA PRO A 150 7.77 9.88 18.67
C PRO A 150 6.94 8.62 18.50
N SER A 151 5.76 8.62 19.07
CA SER A 151 4.93 7.43 18.97
C SER A 151 3.85 7.54 17.88
N THR A 152 3.66 8.76 17.37
CA THR A 152 2.61 9.00 16.39
C THR A 152 3.13 9.60 15.08
N ILE A 153 4.34 10.17 15.12
CA ILE A 153 4.83 10.76 13.86
C ILE A 153 5.19 9.77 12.80
N VAL A 154 4.70 10.10 11.61
CA VAL A 154 4.82 9.32 10.42
C VAL A 154 6.14 8.65 10.04
N ASN A 155 7.28 9.20 10.45
CA ASN A 155 8.60 8.63 10.07
C ASN A 155 9.20 7.71 11.12
N MET A 156 8.39 7.36 12.10
CA MET A 156 8.87 6.54 13.18
C MET A 156 9.15 5.11 12.81
N VAL A 157 8.40 4.55 11.85
CA VAL A 157 8.70 3.18 11.45
C VAL A 157 10.12 3.21 10.88
N ALA A 158 10.42 4.22 10.08
CA ALA A 158 11.76 4.33 9.50
C ALA A 158 12.83 4.36 10.60
N GLY A 159 12.55 5.11 11.66
CA GLY A 159 13.48 5.32 12.74
C GLY A 159 13.72 4.15 13.63
N HIS A 160 12.67 3.41 13.92
CA HIS A 160 12.82 2.26 14.77
C HIS A 160 13.58 1.24 14.01
N LEU A 161 13.14 0.99 12.76
CA LEU A 161 13.80 -0.02 11.92
C LEU A 161 15.25 0.26 11.66
N THR A 162 15.57 1.50 11.31
CA THR A 162 16.96 1.83 11.03
C THR A 162 17.84 1.52 12.25
N ILE A 163 17.31 1.81 13.43
CA ILE A 163 18.02 1.56 14.68
C ILE A 163 18.16 0.03 14.87
N MET A 164 17.03 -0.65 15.00
CA MET A 164 16.99 -2.10 15.16
C MET A 164 17.98 -2.85 14.28
N TYR A 165 18.17 -2.37 13.06
CA TYR A 165 19.07 -3.06 12.15
C TYR A 165 20.41 -2.39 11.93
N GLY A 166 20.68 -1.30 12.63
CA GLY A 166 21.94 -0.60 12.40
C GLY A 166 22.05 0.01 11.01
N LEU A 167 20.93 0.28 10.35
CA LEU A 167 20.94 0.90 9.01
C LEU A 167 21.39 2.38 9.13
N ARG A 168 22.32 2.82 8.28
CA ARG A 168 22.80 4.22 8.40
C ARG A 168 22.69 5.01 7.10
N GLY A 169 22.25 4.35 6.03
CA GLY A 169 22.12 5.02 4.77
C GLY A 169 20.92 5.95 4.82
N PRO A 170 20.58 6.52 3.66
CA PRO A 170 19.45 7.44 3.56
C PRO A 170 18.16 6.90 4.15
N SER A 171 17.49 7.75 4.92
CA SER A 171 16.19 7.42 5.52
C SER A 171 15.24 8.63 5.31
N ILE A 172 14.11 8.35 4.65
CA ILE A 172 13.05 9.30 4.30
C ILE A 172 11.67 8.68 4.58
N SER A 173 10.64 9.53 4.58
CA SER A 173 9.31 9.06 4.86
C SER A 173 8.35 9.90 4.09
N ILE A 174 7.81 9.37 2.98
CA ILE A 174 6.84 10.09 2.16
C ILE A 174 5.43 9.84 2.63
N ALA A 175 4.77 10.95 2.93
CA ALA A 175 3.39 10.95 3.37
C ALA A 175 2.54 11.58 2.28
N THR A 176 2.06 10.77 1.34
CA THR A 176 1.23 11.30 0.26
C THR A 176 -0.15 10.60 0.25
N ALA A 177 -0.76 10.54 1.44
CA ALA A 177 -2.05 9.92 1.63
C ALA A 177 -1.99 8.50 1.00
N ALA A 178 -3.02 8.14 0.23
CA ALA A 178 -3.06 6.82 -0.38
C ALA A 178 -1.89 6.50 -1.32
N THR A 179 -1.16 7.52 -1.75
CA THR A 179 -0.04 7.34 -2.68
C THR A 179 1.26 7.02 -2.00
N SER A 180 1.29 7.19 -0.69
CA SER A 180 2.49 6.98 0.12
C SER A 180 3.36 5.79 -0.20
N GLY A 181 2.76 4.61 -0.24
CA GLY A 181 3.49 3.37 -0.51
C GLY A 181 4.26 3.39 -1.82
N VAL A 182 3.58 3.82 -2.86
CA VAL A 182 4.17 3.87 -4.18
C VAL A 182 5.29 4.89 -4.16
N HIS A 183 5.10 6.03 -3.51
CA HIS A 183 6.12 7.09 -3.46
C HIS A 183 7.39 6.63 -2.75
N ASN A 184 7.23 6.01 -1.59
CA ASN A 184 8.38 5.54 -0.82
C ASN A 184 9.14 4.46 -1.57
N ILE A 185 8.41 3.51 -2.12
CA ILE A 185 9.02 2.41 -2.88
C ILE A 185 9.79 3.04 -4.07
N GLY A 186 9.10 3.92 -4.82
CA GLY A 186 9.67 4.62 -5.95
C GLY A 186 10.88 5.48 -5.59
N HIS A 187 10.77 6.27 -4.53
CA HIS A 187 11.86 7.10 -4.11
C HIS A 187 13.02 6.35 -3.51
N ALA A 188 12.75 5.15 -2.98
CA ALA A 188 13.79 4.26 -2.45
C ALA A 188 14.60 3.75 -3.65
N ALA A 189 13.89 3.31 -4.67
CA ALA A 189 14.51 2.85 -5.91
C ALA A 189 15.39 3.95 -6.45
N ARG A 190 14.83 5.17 -6.55
CA ARG A 190 15.55 6.36 -7.05
C ARG A 190 16.82 6.61 -6.24
N ILE A 191 16.69 6.51 -4.93
CA ILE A 191 17.83 6.71 -4.05
C ILE A 191 18.94 5.75 -4.45
N ILE A 192 18.57 4.48 -4.62
CA ILE A 192 19.54 3.43 -4.98
C ILE A 192 20.19 3.68 -6.33
N ALA A 193 19.35 3.89 -7.32
CA ALA A 193 19.82 4.13 -8.68
C ALA A 193 20.77 5.29 -8.69
N TYR A 194 20.41 6.35 -7.97
CA TYR A 194 21.23 7.57 -7.91
C TYR A 194 22.63 7.32 -7.36
N GLY A 195 22.75 6.28 -6.56
CA GLY A 195 24.01 5.93 -5.99
C GLY A 195 24.09 6.21 -4.50
N ASP A 196 23.03 6.77 -3.94
CA ASP A 196 22.99 7.11 -2.51
C ASP A 196 22.90 5.88 -1.59
N ALA A 197 22.20 4.84 -2.05
CA ALA A 197 22.04 3.62 -1.24
C ALA A 197 22.32 2.37 -2.09
N ASP A 198 22.38 1.20 -1.43
CA ASP A 198 22.61 -0.09 -2.10
C ASP A 198 21.37 -0.97 -1.86
N VAL A 199 20.81 -0.83 -0.66
CA VAL A 199 19.61 -1.54 -0.22
C VAL A 199 18.72 -0.51 0.47
N MET A 200 17.41 -0.70 0.36
CA MET A 200 16.44 0.17 0.99
C MET A 200 15.18 -0.61 1.32
N VAL A 201 14.75 -0.54 2.58
CA VAL A 201 13.48 -1.16 3.01
C VAL A 201 12.50 -0.04 2.74
N ALA A 202 11.37 -0.34 2.11
CA ALA A 202 10.42 0.70 1.77
C ALA A 202 9.03 0.13 1.80
N GLY A 203 8.06 0.99 2.08
CA GLY A 203 6.66 0.58 2.09
C GLY A 203 5.91 1.58 2.91
N GLY A 204 4.81 1.14 3.50
CA GLY A 204 4.02 2.01 4.33
C GLY A 204 3.31 1.25 5.43
N ALA A 205 2.81 1.96 6.43
CA ALA A 205 2.09 1.33 7.52
C ALA A 205 0.91 2.22 7.92
N GLU A 206 -0.23 1.61 8.20
CA GLU A 206 -1.37 2.41 8.59
C GLU A 206 -2.29 1.61 9.46
N LYS A 207 -2.86 2.28 10.44
CA LYS A 207 -3.81 1.68 11.34
C LYS A 207 -4.77 2.83 11.70
N ALA A 208 -5.57 3.26 10.70
CA ALA A 208 -6.47 4.36 10.89
C ALA A 208 -7.88 3.94 11.26
N SER A 209 -8.08 2.68 11.62
CA SER A 209 -9.42 2.22 12.04
C SER A 209 -9.59 2.67 13.45
N THR A 210 -9.75 3.98 13.62
CA THR A 210 -9.95 4.60 14.91
C THR A 210 -11.17 5.53 14.85
N PRO A 211 -11.59 6.01 16.02
CA PRO A 211 -12.75 6.90 15.97
C PRO A 211 -12.57 8.06 14.99
N LEU A 212 -11.38 8.65 14.97
CA LEU A 212 -11.07 9.76 14.08
C LEU A 212 -10.91 9.30 12.62
N GLY A 213 -10.34 8.10 12.43
CA GLY A 213 -10.16 7.51 11.11
C GLY A 213 -11.52 7.15 10.53
N VAL A 214 -12.32 6.43 11.31
CA VAL A 214 -13.65 6.03 10.88
C VAL A 214 -14.62 7.20 10.84
N GLY A 215 -14.68 7.95 11.91
CA GLY A 215 -15.57 9.09 11.95
C GLY A 215 -15.23 10.16 10.91
N GLY A 216 -13.93 10.41 10.76
CA GLY A 216 -13.35 11.43 9.89
C GLY A 216 -13.51 11.26 8.41
N PHE A 217 -13.28 10.05 7.91
CA PHE A 217 -13.47 9.76 6.48
C PHE A 217 -14.98 9.57 6.22
N GLY A 218 -15.74 9.27 7.27
CA GLY A 218 -17.18 9.09 7.16
C GLY A 218 -17.84 10.46 7.10
N ALA A 219 -17.20 11.43 7.75
CA ALA A 219 -17.69 12.79 7.75
C ALA A 219 -17.54 13.35 6.35
N ALA A 220 -16.55 12.85 5.60
CA ALA A 220 -16.29 13.30 4.23
C ALA A 220 -17.23 12.61 3.22
N ARG A 221 -18.01 11.67 3.74
CA ARG A 221 -18.92 10.82 2.96
C ARG A 221 -18.10 9.93 2.00
N ALA A 222 -16.88 9.58 2.39
CA ALA A 222 -16.00 8.80 1.53
C ALA A 222 -15.99 7.30 1.82
N LEU A 223 -16.68 6.90 2.88
CA LEU A 223 -16.70 5.50 3.31
C LEU A 223 -17.94 4.73 2.88
N SER A 224 -17.82 3.41 2.79
CA SER A 224 -18.97 2.58 2.48
C SER A 224 -19.86 2.50 3.74
N THR A 225 -21.11 2.13 3.58
CA THR A 225 -22.01 2.09 4.73
C THR A 225 -22.77 0.75 4.83
N ARG A 226 -22.44 -0.16 3.91
CA ARG A 226 -23.02 -1.49 3.81
C ARG A 226 -22.70 -2.36 5.04
N ASN A 227 -23.27 -2.00 6.18
CA ASN A 227 -23.02 -2.70 7.43
C ASN A 227 -23.68 -4.10 7.56
N ASP A 228 -24.70 -4.36 6.74
CA ASP A 228 -25.35 -5.65 6.78
C ASP A 228 -24.47 -6.69 6.05
N ASN A 229 -23.50 -6.22 5.28
CA ASN A 229 -22.59 -7.08 4.56
C ASN A 229 -21.26 -6.37 4.28
N PRO A 230 -20.42 -6.27 5.33
CA PRO A 230 -19.09 -5.69 5.38
C PRO A 230 -18.23 -6.33 4.33
N GLN A 231 -18.50 -7.61 4.11
CA GLN A 231 -17.76 -8.40 3.12
C GLN A 231 -18.02 -7.92 1.70
N ALA A 232 -19.24 -7.44 1.44
CA ALA A 232 -19.63 -6.94 0.13
C ALA A 232 -19.44 -5.43 -0.03
N ALA A 233 -19.04 -4.75 1.05
CA ALA A 233 -18.86 -3.31 1.01
C ALA A 233 -17.84 -2.83 -0.05
N SER A 234 -16.67 -3.46 -0.09
CA SER A 234 -15.69 -3.08 -1.07
C SER A 234 -16.04 -3.69 -2.41
N ARG A 235 -16.51 -2.86 -3.35
CA ARG A 235 -16.88 -3.36 -4.66
C ARG A 235 -16.47 -2.43 -5.76
N PRO A 236 -15.15 -2.24 -5.96
CA PRO A 236 -14.68 -1.37 -7.04
C PRO A 236 -15.40 -1.65 -8.36
N TRP A 237 -15.74 -0.56 -9.05
CA TRP A 237 -16.43 -0.54 -10.35
C TRP A 237 -17.84 -1.09 -10.40
N ASP A 238 -18.28 -1.72 -9.33
CA ASP A 238 -19.65 -2.21 -9.25
C ASP A 238 -20.61 -1.01 -9.24
N LYS A 239 -21.77 -1.18 -9.88
CA LYS A 239 -22.75 -0.11 -9.95
C LYS A 239 -23.21 0.30 -8.56
N GLU A 240 -23.17 -0.63 -7.61
CA GLU A 240 -23.63 -0.37 -6.23
C GLU A 240 -22.62 0.19 -5.18
N ARG A 241 -21.39 0.55 -5.57
CA ARG A 241 -20.41 1.08 -4.61
C ARG A 241 -20.90 2.32 -3.91
N ASP A 242 -20.47 2.50 -2.66
CA ASP A 242 -20.86 3.67 -1.88
C ASP A 242 -19.71 4.22 -1.05
N GLY A 243 -18.50 4.12 -1.60
CA GLY A 243 -17.33 4.63 -0.93
C GLY A 243 -16.39 3.53 -0.47
N PHE A 244 -15.16 3.92 -0.18
CA PHE A 244 -14.15 2.95 0.18
C PHE A 244 -14.28 2.29 1.54
N VAL A 245 -13.48 1.26 1.74
CA VAL A 245 -13.48 0.54 3.01
C VAL A 245 -12.09 0.71 3.63
N LEU A 246 -12.07 0.97 4.94
CA LEU A 246 -10.83 1.20 5.65
C LEU A 246 -10.09 -0.12 5.98
N GLY A 247 -8.78 -0.15 5.77
CA GLY A 247 -7.97 -1.31 6.02
C GLY A 247 -6.68 -0.96 6.76
N ASP A 248 -6.26 -1.82 7.69
CA ASP A 248 -5.02 -1.64 8.44
C ASP A 248 -4.04 -2.65 7.91
N GLY A 249 -2.75 -2.31 8.02
CA GLY A 249 -1.76 -3.24 7.52
C GLY A 249 -0.48 -2.52 7.29
N ALA A 250 0.50 -3.25 6.77
CA ALA A 250 1.82 -2.70 6.47
C ALA A 250 2.38 -3.55 5.36
N GLY A 251 3.08 -2.90 4.45
CA GLY A 251 3.68 -3.56 3.32
C GLY A 251 5.09 -3.06 3.22
N MET A 252 6.06 -3.97 3.11
CA MET A 252 7.44 -3.57 3.04
C MET A 252 8.18 -4.43 2.07
N LEU A 253 9.06 -3.81 1.31
CA LEU A 253 9.87 -4.58 0.39
C LEU A 253 11.28 -4.11 0.51
N VAL A 254 12.22 -5.05 0.32
CA VAL A 254 13.62 -4.72 0.34
C VAL A 254 13.97 -4.47 -1.14
N LEU A 255 14.47 -3.26 -1.40
CA LEU A 255 14.88 -2.93 -2.76
C LEU A 255 16.38 -2.92 -2.75
N GLU A 256 16.97 -3.37 -3.84
CA GLU A 256 18.41 -3.36 -3.96
C GLU A 256 18.95 -3.38 -5.37
N GLU A 257 20.17 -2.86 -5.49
CA GLU A 257 20.88 -2.79 -6.75
C GLU A 257 21.22 -4.20 -7.25
N TYR A 258 20.96 -4.46 -8.53
CA TYR A 258 21.19 -5.77 -9.16
C TYR A 258 22.48 -6.50 -8.74
N GLU A 259 23.61 -5.92 -9.09
CA GLU A 259 24.92 -6.51 -8.80
C GLU A 259 25.21 -6.76 -7.32
N HIS A 260 24.68 -5.92 -6.44
CA HIS A 260 24.89 -6.06 -5.00
C HIS A 260 24.08 -7.26 -4.51
N ALA A 261 22.90 -7.44 -5.11
CA ALA A 261 22.03 -8.56 -4.79
C ALA A 261 22.74 -9.83 -5.31
N LYS A 262 22.99 -9.90 -6.62
CA LYS A 262 23.66 -11.05 -7.24
C LYS A 262 24.89 -11.46 -6.46
N LYS A 263 25.83 -10.53 -6.27
CA LYS A 263 27.09 -10.78 -5.57
C LYS A 263 26.90 -11.44 -4.23
N ARG A 264 25.66 -11.43 -3.77
CA ARG A 264 25.34 -12.05 -2.48
C ARG A 264 24.30 -13.14 -2.70
N GLY A 265 24.02 -13.43 -3.97
CA GLY A 265 23.04 -14.43 -4.35
C GLY A 265 21.77 -14.31 -3.52
N ALA A 266 21.13 -13.16 -3.59
CA ALA A 266 19.90 -12.90 -2.86
C ALA A 266 18.79 -13.50 -3.68
N LYS A 267 17.69 -13.86 -3.03
CA LYS A 267 16.58 -14.38 -3.78
C LYS A 267 16.01 -13.08 -4.34
N ILE A 268 15.75 -13.04 -5.65
CA ILE A 268 15.25 -11.83 -6.31
C ILE A 268 13.84 -12.02 -6.87
N TYR A 269 12.85 -11.32 -6.30
CA TYR A 269 11.48 -11.47 -6.78
C TYR A 269 11.20 -10.78 -8.08
N ALA A 270 11.80 -9.60 -8.27
CA ALA A 270 11.56 -8.84 -9.49
C ALA A 270 12.47 -7.65 -9.69
N GLU A 271 12.20 -6.93 -10.77
CA GLU A 271 12.96 -5.73 -11.09
C GLU A 271 11.97 -4.56 -11.05
N LEU A 272 12.38 -3.46 -10.44
CA LEU A 272 11.56 -2.25 -10.40
C LEU A 272 12.09 -1.55 -11.64
N VAL A 273 11.24 -1.41 -12.65
CA VAL A 273 11.67 -0.82 -13.92
C VAL A 273 11.26 0.64 -14.19
N GLY A 274 10.09 1.04 -13.70
CA GLY A 274 9.58 2.38 -13.93
C GLY A 274 8.87 2.93 -12.71
N PHE A 275 8.82 4.28 -12.66
CA PHE A 275 8.20 5.03 -11.57
C PHE A 275 7.68 6.33 -12.16
N GLY A 276 6.40 6.58 -11.99
CA GLY A 276 5.83 7.77 -12.54
C GLY A 276 4.97 8.51 -11.54
N MET A 277 5.06 9.83 -11.53
CA MET A 277 4.24 10.59 -10.63
C MET A 277 3.52 11.65 -11.46
N SER A 278 2.42 12.16 -10.93
CA SER A 278 1.64 13.17 -11.62
C SER A 278 0.89 13.89 -10.55
N SER A 279 0.14 14.91 -10.96
CA SER A 279 -0.67 15.70 -10.03
C SER A 279 -1.95 16.04 -10.73
N ASP A 280 -3.05 15.94 -10.01
CA ASP A 280 -4.38 16.16 -10.59
C ASP A 280 -4.63 17.62 -10.78
N ALA A 281 -4.24 18.44 -9.81
CA ALA A 281 -4.43 19.88 -9.91
C ALA A 281 -5.89 20.15 -10.24
N TYR A 282 -6.76 19.50 -9.48
CA TYR A 282 -8.19 19.59 -9.71
C TYR A 282 -9.01 19.83 -8.45
N HIS A 283 -9.02 18.85 -7.57
CA HIS A 283 -9.78 18.96 -6.35
C HIS A 283 -9.05 18.18 -5.25
N MET A 284 -9.18 18.66 -4.01
CA MET A 284 -8.47 18.08 -2.86
C MET A 284 -8.76 16.63 -2.53
N THR A 285 -10.05 16.28 -2.53
CA THR A 285 -10.47 14.92 -2.27
C THR A 285 -11.19 14.26 -3.45
N SER A 286 -10.76 14.54 -4.69
CA SER A 286 -11.41 13.95 -5.86
C SER A 286 -10.69 14.16 -7.20
N PRO A 287 -10.85 13.22 -8.16
CA PRO A 287 -10.22 13.25 -9.48
C PRO A 287 -11.09 13.78 -10.62
N PRO A 288 -10.45 14.24 -11.71
CA PRO A 288 -11.23 14.71 -12.84
C PRO A 288 -12.03 13.52 -13.37
N GLU A 289 -13.23 13.74 -13.90
CA GLU A 289 -14.03 12.65 -14.49
C GLU A 289 -13.11 12.08 -15.55
N ASN A 290 -12.33 13.02 -16.04
CA ASN A 290 -11.33 12.86 -17.05
C ASN A 290 -10.30 11.72 -16.79
N GLY A 291 -9.77 11.61 -15.56
CA GLY A 291 -8.77 10.60 -15.23
C GLY A 291 -7.39 11.01 -15.78
N ALA A 292 -7.29 12.31 -16.04
CA ALA A 292 -6.12 12.92 -16.62
C ALA A 292 -4.88 12.68 -15.78
N GLY A 293 -5.07 12.78 -14.47
CA GLY A 293 -4.03 12.62 -13.47
C GLY A 293 -3.43 11.24 -13.48
N ALA A 294 -4.31 10.24 -13.34
CA ALA A 294 -3.84 8.87 -13.37
C ALA A 294 -3.08 8.54 -14.67
N ALA A 295 -3.59 8.99 -15.81
CA ALA A 295 -2.95 8.72 -17.09
C ALA A 295 -1.49 9.22 -17.10
N LEU A 296 -1.33 10.48 -16.76
CA LEU A 296 0.00 11.06 -16.71
C LEU A 296 0.95 10.22 -15.88
N ALA A 297 0.50 9.75 -14.69
CA ALA A 297 1.32 8.92 -13.81
C ALA A 297 1.66 7.59 -14.50
N MET A 298 0.65 6.92 -15.04
CA MET A 298 0.88 5.66 -15.76
C MET A 298 1.80 6.02 -16.89
N ALA A 299 1.38 7.01 -17.66
CA ALA A 299 2.18 7.51 -18.77
C ALA A 299 3.68 7.69 -18.44
N ASN A 300 4.02 8.34 -17.32
CA ASN A 300 5.42 8.58 -16.95
C ASN A 300 6.27 7.36 -16.56
N ALA A 301 5.64 6.38 -15.92
CA ALA A 301 6.25 5.13 -15.50
C ALA A 301 6.68 4.35 -16.74
N LEU A 302 5.79 4.38 -17.73
CA LEU A 302 5.99 3.69 -18.99
C LEU A 302 7.22 4.25 -19.67
N ARG A 303 7.27 5.57 -19.72
CA ARG A 303 8.41 6.28 -20.29
C ARG A 303 9.65 6.05 -19.41
N ASP A 304 9.46 5.88 -18.10
CA ASP A 304 10.58 5.61 -17.18
C ASP A 304 11.10 4.19 -17.39
N ALA A 305 10.18 3.23 -17.45
CA ALA A 305 10.51 1.82 -17.66
C ALA A 305 11.04 1.65 -19.09
N GLY A 306 10.50 2.44 -20.00
CA GLY A 306 10.86 2.41 -21.40
C GLY A 306 10.25 1.20 -22.07
N ILE A 307 8.91 1.13 -21.99
CA ILE A 307 8.11 0.05 -22.53
C ILE A 307 6.79 0.69 -22.88
N GLU A 308 5.84 -0.11 -23.37
CA GLU A 308 4.54 0.40 -23.78
C GLU A 308 3.38 -0.26 -23.10
N ALA A 309 2.31 0.51 -22.89
CA ALA A 309 1.08 0.02 -22.25
C ALA A 309 0.66 -1.40 -22.70
N SER A 310 1.07 -1.78 -23.90
CA SER A 310 0.72 -3.10 -24.43
C SER A 310 1.37 -4.22 -23.63
N GLN A 311 2.59 -3.94 -23.14
CA GLN A 311 3.39 -4.88 -22.37
C GLN A 311 2.98 -5.09 -20.93
N ILE A 312 2.00 -4.32 -20.48
CA ILE A 312 1.54 -4.44 -19.10
C ILE A 312 0.46 -5.52 -19.03
N GLY A 313 0.80 -6.65 -18.44
CA GLY A 313 -0.16 -7.73 -18.31
C GLY A 313 -1.25 -7.49 -17.29
N TYR A 314 -0.88 -6.90 -16.15
CA TYR A 314 -1.85 -6.65 -15.06
C TYR A 314 -1.61 -5.29 -14.39
N VAL A 315 -2.73 -4.60 -14.11
CA VAL A 315 -2.69 -3.31 -13.45
C VAL A 315 -3.38 -3.46 -12.12
N ASN A 316 -2.67 -3.20 -11.02
CA ASN A 316 -3.31 -3.25 -9.71
C ASN A 316 -3.87 -1.85 -9.49
N ALA A 317 -5.17 -1.72 -9.77
CA ALA A 317 -5.82 -0.45 -9.69
C ALA A 317 -5.74 0.23 -8.35
N HIS A 318 -5.95 1.55 -8.39
CA HIS A 318 -5.99 2.27 -7.16
C HIS A 318 -7.38 1.85 -6.64
N GLY A 319 -8.36 1.81 -7.54
CA GLY A 319 -9.75 1.41 -7.35
C GLY A 319 -10.18 1.22 -5.92
N THR A 320 -10.54 2.33 -5.29
CA THR A 320 -10.93 2.33 -3.91
C THR A 320 -12.39 2.07 -3.66
N SER A 321 -13.18 1.96 -4.72
CA SER A 321 -14.64 1.67 -4.61
C SER A 321 -15.50 2.85 -4.28
N THR A 322 -14.98 4.04 -4.57
CA THR A 322 -15.71 5.28 -4.39
C THR A 322 -16.35 5.53 -5.77
N PRO A 323 -17.54 6.13 -5.78
CA PRO A 323 -18.18 6.40 -7.07
C PRO A 323 -17.27 7.09 -8.12
N ALA A 324 -16.90 8.33 -7.87
CA ALA A 324 -16.07 9.05 -8.83
C ALA A 324 -14.70 8.47 -8.97
N GLY A 325 -14.20 7.88 -7.88
CA GLY A 325 -12.86 7.34 -7.81
C GLY A 325 -12.55 6.32 -8.87
N ASP A 326 -13.33 5.24 -8.83
CA ASP A 326 -13.19 4.13 -9.76
C ASP A 326 -13.39 4.53 -11.22
N LYS A 327 -14.42 5.34 -11.47
CA LYS A 327 -14.70 5.77 -12.83
C LYS A 327 -13.51 6.50 -13.43
N ALA A 328 -12.92 7.40 -12.65
CA ALA A 328 -11.84 8.17 -13.23
C ALA A 328 -10.62 7.34 -13.58
N GLU A 329 -10.33 6.33 -12.77
CA GLU A 329 -9.17 5.47 -13.03
C GLU A 329 -9.43 4.67 -14.27
N ALA A 330 -10.69 4.30 -14.49
CA ALA A 330 -11.02 3.55 -15.68
C ALA A 330 -10.72 4.42 -16.91
N GLN A 331 -11.15 5.68 -16.85
CA GLN A 331 -10.92 6.59 -17.96
C GLN A 331 -9.45 6.60 -18.33
N ALA A 332 -8.61 6.68 -17.31
CA ALA A 332 -7.19 6.71 -17.54
C ALA A 332 -6.72 5.39 -18.15
N VAL A 333 -7.33 4.28 -17.78
CA VAL A 333 -6.86 3.04 -18.42
C VAL A 333 -7.08 3.08 -19.93
N LYS A 334 -8.32 3.28 -20.36
CA LYS A 334 -8.67 3.39 -21.77
C LYS A 334 -7.66 4.32 -22.44
N THR A 335 -7.61 5.54 -21.93
CA THR A 335 -6.71 6.54 -22.46
C THR A 335 -5.29 6.06 -22.63
N ILE A 336 -4.81 5.27 -21.67
CA ILE A 336 -3.42 4.78 -21.69
C ILE A 336 -3.11 3.54 -22.50
N PHE A 337 -4.08 2.64 -22.53
CA PHE A 337 -3.95 1.39 -23.29
C PHE A 337 -4.67 1.53 -24.65
N GLY A 338 -5.79 2.25 -24.66
CA GLY A 338 -6.60 2.50 -25.84
C GLY A 338 -7.05 1.22 -26.51
N GLU A 339 -6.15 0.65 -27.31
CA GLU A 339 -6.41 -0.59 -28.05
C GLU A 339 -6.40 -1.77 -27.13
N ALA A 340 -5.24 -1.95 -26.49
CA ALA A 340 -5.03 -3.05 -25.55
C ALA A 340 -5.75 -2.77 -24.23
N ALA A 341 -6.76 -1.92 -24.28
CA ALA A 341 -7.55 -1.54 -23.11
C ALA A 341 -8.38 -2.70 -22.61
N SER A 342 -8.84 -3.50 -23.56
CA SER A 342 -9.69 -4.65 -23.29
C SER A 342 -8.88 -5.91 -23.07
N ARG A 343 -7.64 -5.90 -23.57
CA ARG A 343 -6.74 -7.05 -23.48
C ARG A 343 -5.86 -7.08 -22.23
N VAL A 344 -5.96 -6.04 -21.40
CA VAL A 344 -5.18 -5.94 -20.16
C VAL A 344 -6.05 -6.26 -18.96
N LEU A 345 -5.43 -6.98 -17.99
CA LEU A 345 -6.08 -7.33 -16.72
C LEU A 345 -5.82 -6.24 -15.72
N VAL A 346 -6.90 -5.85 -15.05
CA VAL A 346 -6.88 -4.79 -14.07
C VAL A 346 -7.76 -5.23 -12.93
N SER A 347 -7.24 -5.23 -11.70
CA SER A 347 -8.08 -5.60 -10.55
C SER A 347 -7.83 -4.70 -9.35
N SER A 348 -8.68 -4.85 -8.34
CA SER A 348 -8.52 -4.10 -7.12
C SER A 348 -8.47 -5.12 -5.94
N THR A 349 -7.33 -5.17 -5.25
CA THR A 349 -7.17 -6.05 -4.11
C THR A 349 -8.06 -5.48 -3.01
N LYS A 350 -8.34 -4.18 -3.13
CA LYS A 350 -9.18 -3.47 -2.18
C LYS A 350 -10.55 -4.09 -2.04
N SER A 351 -10.87 -5.05 -2.91
CA SER A 351 -12.21 -5.66 -2.83
C SER A 351 -12.22 -6.67 -1.70
N MET A 352 -11.03 -7.10 -1.33
CA MET A 352 -10.90 -8.06 -0.26
C MET A 352 -10.15 -7.48 0.93
N THR A 353 -9.19 -6.63 0.62
CA THR A 353 -8.30 -6.06 1.60
C THR A 353 -8.75 -4.81 2.36
N GLY A 354 -9.44 -3.92 1.64
CA GLY A 354 -9.90 -2.65 2.15
C GLY A 354 -8.88 -1.63 1.67
N HIS A 355 -9.04 -0.40 2.10
CA HIS A 355 -8.11 0.65 1.74
C HIS A 355 -7.03 0.85 2.79
N LEU A 356 -5.82 0.34 2.56
CA LEU A 356 -4.72 0.52 3.55
C LEU A 356 -4.01 1.90 3.49
N LEU A 357 -4.61 2.90 2.86
CA LEU A 357 -4.01 4.22 2.76
C LEU A 357 -2.49 4.25 2.50
N GLY A 358 -1.74 4.77 3.49
CA GLY A 358 -0.30 4.88 3.40
C GLY A 358 0.38 3.58 3.04
N ALA A 359 -0.29 2.45 3.34
CA ALA A 359 0.23 1.09 3.07
C ALA A 359 -0.34 0.44 1.84
N ALA A 360 -1.46 0.96 1.37
CA ALA A 360 -2.04 0.42 0.17
C ALA A 360 -1.00 0.22 -0.95
N GLY A 361 -0.31 1.28 -1.35
CA GLY A 361 0.64 1.16 -2.44
C GLY A 361 1.82 0.24 -2.21
N ALA A 362 2.08 -0.08 -0.93
CA ALA A 362 3.19 -0.95 -0.58
C ALA A 362 2.69 -2.39 -0.72
N VAL A 363 1.56 -2.70 -0.09
CA VAL A 363 1.06 -4.04 -0.13
C VAL A 363 0.72 -4.41 -1.55
N GLU A 364 0.28 -3.43 -2.32
CA GLU A 364 -0.08 -3.65 -3.72
C GLU A 364 1.16 -3.72 -4.61
N SER A 365 2.28 -3.23 -4.12
CA SER A 365 3.47 -3.36 -4.94
C SER A 365 3.85 -4.82 -4.80
N ILE A 366 3.59 -5.38 -3.62
CA ILE A 366 3.87 -6.80 -3.36
C ILE A 366 2.96 -7.69 -4.18
N TYR A 367 1.66 -7.42 -4.17
CA TYR A 367 0.76 -8.19 -5.01
C TYR A 367 1.26 -8.16 -6.46
N SER A 368 1.46 -6.95 -6.97
CA SER A 368 1.94 -6.76 -8.34
C SER A 368 3.19 -7.52 -8.63
N ILE A 369 3.93 -7.88 -7.59
CA ILE A 369 5.19 -8.60 -7.74
C ILE A 369 4.92 -10.07 -7.73
N LEU A 370 4.09 -10.52 -6.79
CA LEU A 370 3.74 -11.92 -6.65
C LEU A 370 2.91 -12.38 -7.86
N ALA A 371 2.22 -11.45 -8.52
CA ALA A 371 1.45 -11.81 -9.69
C ALA A 371 2.42 -12.23 -10.79
N LEU A 372 3.60 -11.62 -10.83
CA LEU A 372 4.56 -11.99 -11.86
C LEU A 372 5.26 -13.33 -11.50
N ARG A 373 5.43 -13.58 -10.20
CA ARG A 373 6.11 -14.79 -9.76
C ARG A 373 5.31 -16.00 -10.04
N ASP A 374 4.00 -15.83 -9.87
CA ASP A 374 3.03 -16.90 -9.94
C ASP A 374 2.20 -16.84 -11.18
N GLN A 375 2.50 -15.86 -12.01
CA GLN A 375 1.75 -15.70 -13.23
C GLN A 375 0.25 -15.82 -13.03
N ALA A 376 -0.20 -15.34 -11.85
CA ALA A 376 -1.63 -15.27 -11.46
C ALA A 376 -2.03 -13.88 -11.01
N VAL A 377 -3.20 -13.47 -11.44
CA VAL A 377 -3.71 -12.12 -11.15
C VAL A 377 -5.00 -12.22 -10.32
N PRO A 378 -4.99 -11.72 -9.07
CA PRO A 378 -6.12 -11.75 -8.11
C PRO A 378 -7.34 -10.98 -8.56
N PRO A 379 -8.53 -11.45 -8.15
CA PRO A 379 -9.85 -10.94 -8.50
C PRO A 379 -10.33 -9.62 -7.87
N THR A 380 -11.29 -8.98 -8.51
CA THR A 380 -11.95 -7.81 -7.97
C THR A 380 -13.26 -8.48 -7.60
N ILE A 381 -13.36 -8.94 -6.36
CA ILE A 381 -14.58 -9.60 -5.90
C ILE A 381 -15.67 -8.54 -5.73
N ASN A 382 -16.90 -9.01 -5.56
CA ASN A 382 -18.05 -8.14 -5.36
C ASN A 382 -18.50 -7.37 -6.59
N LEU A 383 -17.73 -7.50 -7.67
CA LEU A 383 -18.03 -6.81 -8.94
C LEU A 383 -19.19 -7.50 -9.64
N ASP A 384 -20.38 -7.40 -9.07
CA ASP A 384 -21.54 -8.04 -9.66
C ASP A 384 -21.84 -7.37 -10.98
N ASN A 385 -22.48 -6.21 -10.97
CA ASN A 385 -22.74 -5.50 -12.22
C ASN A 385 -21.87 -4.25 -12.31
N PRO A 386 -20.93 -4.23 -13.27
CA PRO A 386 -19.98 -3.16 -13.58
C PRO A 386 -20.70 -1.86 -13.94
N ASP A 387 -19.93 -0.79 -14.14
CA ASP A 387 -20.53 0.47 -14.56
C ASP A 387 -20.86 0.19 -16.03
N GLU A 388 -21.70 0.99 -16.65
CA GLU A 388 -22.04 0.67 -18.02
C GLU A 388 -20.91 0.62 -19.07
N GLY A 389 -20.66 1.72 -19.78
CA GLY A 389 -19.64 1.79 -20.82
C GLY A 389 -18.22 1.26 -20.57
N CYS A 390 -18.05 0.39 -19.57
CA CYS A 390 -16.74 -0.19 -19.23
C CYS A 390 -16.38 -1.34 -20.16
N ASP A 391 -15.30 -1.19 -20.91
CA ASP A 391 -14.87 -2.23 -21.83
C ASP A 391 -13.80 -3.13 -21.17
N LEU A 392 -13.34 -2.69 -20.00
CA LEU A 392 -12.25 -3.34 -19.26
C LEU A 392 -12.40 -4.69 -18.53
N ASP A 393 -11.29 -5.39 -18.45
CA ASP A 393 -11.20 -6.69 -17.78
C ASP A 393 -10.82 -6.47 -16.30
N PHE A 394 -11.83 -6.15 -15.50
CA PHE A 394 -11.64 -5.91 -14.08
C PHE A 394 -11.34 -7.17 -13.25
N VAL A 395 -11.05 -8.26 -13.94
CA VAL A 395 -10.77 -9.57 -13.34
C VAL A 395 -11.74 -9.97 -12.21
N PRO A 396 -13.05 -9.79 -12.44
CA PRO A 396 -14.20 -10.05 -11.57
C PRO A 396 -14.36 -11.46 -10.97
N HIS A 397 -14.75 -11.45 -9.68
CA HIS A 397 -15.02 -12.61 -8.82
C HIS A 397 -13.94 -13.63 -8.57
N GLU A 398 -13.35 -14.14 -9.64
CA GLU A 398 -12.37 -15.22 -9.50
C GLU A 398 -11.02 -14.92 -10.11
N ALA A 399 -9.94 -15.33 -9.41
CA ALA A 399 -8.58 -15.08 -9.88
C ALA A 399 -8.43 -15.44 -11.37
N ARG A 400 -7.24 -15.28 -11.95
CA ARG A 400 -7.11 -15.56 -13.39
C ARG A 400 -5.69 -15.81 -13.78
N GLN A 401 -5.40 -17.02 -14.27
CA GLN A 401 -4.03 -17.37 -14.66
C GLN A 401 -3.68 -16.53 -15.88
N VAL A 402 -2.38 -16.30 -16.07
CA VAL A 402 -1.87 -15.53 -17.20
C VAL A 402 -0.67 -16.27 -17.76
N SER A 403 -0.35 -15.98 -19.03
CA SER A 403 0.77 -16.64 -19.69
C SER A 403 2.11 -15.93 -19.60
N GLY A 404 2.47 -15.22 -20.65
CA GLY A 404 3.77 -14.55 -20.68
C GLY A 404 3.70 -13.10 -20.27
N MET A 405 3.23 -12.87 -19.05
CA MET A 405 3.12 -11.54 -18.50
C MET A 405 4.48 -11.24 -17.88
N GLU A 406 5.21 -10.26 -18.46
CA GLU A 406 6.56 -9.89 -17.99
C GLU A 406 6.65 -8.62 -17.16
N TYR A 407 5.60 -7.79 -17.27
CA TYR A 407 5.52 -6.52 -16.56
C TYR A 407 4.13 -6.30 -15.96
N THR A 408 4.09 -5.90 -14.69
CA THR A 408 2.84 -5.57 -14.00
C THR A 408 3.04 -4.14 -13.53
N LEU A 409 1.98 -3.34 -13.54
CA LEU A 409 2.04 -1.95 -13.08
C LEU A 409 1.15 -1.75 -11.84
N CYS A 410 1.62 -0.94 -10.89
CA CYS A 410 0.87 -0.67 -9.67
C CYS A 410 0.53 0.80 -9.53
N ASN A 411 -0.74 1.08 -9.37
CA ASN A 411 -1.25 2.45 -9.24
C ASN A 411 -1.68 2.80 -7.80
N SER A 412 -1.36 4.01 -7.38
CA SER A 412 -1.81 4.49 -6.08
C SER A 412 -2.04 6.00 -6.26
N PHE A 413 -3.22 6.45 -5.83
CA PHE A 413 -3.59 7.85 -5.95
C PHE A 413 -3.94 8.42 -4.58
N GLY A 414 -3.70 9.69 -4.36
CA GLY A 414 -4.01 10.23 -3.05
C GLY A 414 -4.69 11.58 -3.01
N PHE A 415 -5.24 11.90 -1.86
CA PHE A 415 -5.88 13.19 -1.64
C PHE A 415 -4.82 14.22 -2.03
N GLY A 416 -5.24 15.32 -2.64
CA GLY A 416 -4.31 16.34 -3.12
C GLY A 416 -3.96 16.13 -4.58
N GLY A 417 -4.58 15.14 -5.18
CA GLY A 417 -4.35 14.88 -6.59
C GLY A 417 -2.96 14.40 -6.85
N THR A 418 -2.32 13.88 -5.81
CA THR A 418 -0.97 13.31 -5.96
C THR A 418 -1.10 11.83 -6.37
N ASN A 419 -0.66 11.53 -7.59
CA ASN A 419 -0.69 10.18 -8.13
C ASN A 419 0.71 9.62 -8.33
N GLY A 420 0.80 8.30 -8.45
CA GLY A 420 2.05 7.61 -8.68
C GLY A 420 1.77 6.21 -9.19
N SER A 421 2.71 5.70 -10.00
CA SER A 421 2.59 4.36 -10.56
C SER A 421 3.95 3.69 -10.58
N LEU A 422 3.98 2.38 -10.35
CA LEU A 422 5.25 1.65 -10.35
C LEU A 422 5.13 0.57 -11.39
N ILE A 423 6.25 0.20 -11.99
CA ILE A 423 6.24 -0.88 -13.02
C ILE A 423 7.22 -1.94 -12.59
N PHE A 424 6.75 -3.18 -12.51
CA PHE A 424 7.59 -4.29 -12.11
C PHE A 424 7.82 -5.21 -13.30
N LYS A 425 9.05 -5.68 -13.46
CA LYS A 425 9.40 -6.57 -14.58
C LYS A 425 9.87 -7.90 -14.06
N LYS A 426 9.37 -8.96 -14.68
CA LYS A 426 9.74 -10.30 -14.28
C LYS A 426 11.24 -10.55 -14.37
N ILE A 427 11.84 -10.99 -13.24
CA ILE A 427 13.25 -11.39 -13.09
C ILE A 427 14.36 -10.31 -13.10
O16 PMN B . -14.79 14.24 -1.94
O19 PMN B . -16.94 9.34 -5.11
O20 PMN B . -12.29 9.00 -5.21
O30 PMN B . -9.02 11.68 -5.39
O31 PMN B . -11.07 8.58 -2.35
O32 PMN B . -9.41 7.00 -1.13
O33 PMN B . -7.11 7.40 -1.56
N28 PMN B . -11.45 10.56 -4.06
C1 PMN B . -12.47 10.07 -4.66
C2 PMN B . -13.80 10.83 -4.65
C3 PMN B . -14.39 10.41 -3.38
C4 PMN B . -15.92 10.74 -3.19
C5 PMN B . -16.85 10.41 -4.44
C6 PMN B . -17.71 11.49 -4.85
C7 PMN B . -17.81 12.67 -4.29
C8 PMN B . -17.14 13.15 -3.11
C9 PMN B . -15.82 12.31 -2.95
C10 PMN B . -15.11 12.82 -1.71
C11 PMN B . -16.14 12.95 -0.54
C12 PMN B . -17.10 14.06 -1.00
C13 PMN B . -18.04 13.19 -1.86
C14 PMN B . -16.78 14.65 -3.21
C15 PMN B . -16.12 14.92 -1.89
C17 PMN B . -15.73 16.34 -1.46
C18 PMN B . -16.65 9.88 -2.06
C21 PMN B . -8.43 7.53 -1.69
C22 PMN B . -8.67 8.60 -2.65
C23 PMN B . -9.95 9.07 -2.93
C24 PMN B . -10.09 10.13 -3.86
C25 PMN B . -8.96 10.67 -4.49
C26 PMN B . -7.73 10.14 -4.17
C27 PMN B . -7.58 9.14 -3.28
#